data_5JKP
#
_entry.id   5JKP
#
_cell.length_a   58.015
_cell.length_b   58.686
_cell.length_c   78.720
_cell.angle_alpha   90.00
_cell.angle_beta   90.00
_cell.angle_gamma   90.00
#
_symmetry.space_group_name_H-M   'P 21 21 21'
#
loop_
_entity.id
_entity.type
_entity.pdbx_description
1 polymer 'Uncharacterized protein'
2 water water
#
_entity_poly.entity_id   1
_entity_poly.type   'polypeptide(L)'
_entity_poly.pdbx_seq_one_letter_code
;SKPFVCANEKDHLPPLDPQADAWYREAAALAKPDTLRPWGRIVEIYSKAVERGHWKAMHNLANLYRTGWPGGVEKDPQKA
LDLYQKMIDLDVPQGFYDMGAMIGNRAGVKNPATDGLTFLDKAASLGNPPALTELGKLYIYVAKEKELGLAYASCASSQG
YAPASYELGSYYELVENNYPKALSYYQVSVSQGGRSAAFFLSRVFGKRTPPSSAMWYTPDEKLEKFYYSLYLQIDADPDL
RFPNLVKYNPLPPHPVQGYDAARPDWKPGQ
;
_entity_poly.pdbx_strand_id   A
#
# COMPACT_ATOMS: atom_id res chain seq x y z
N PRO A 3 -13.61 -18.80 9.56
CA PRO A 3 -13.53 -17.50 10.23
C PRO A 3 -12.25 -16.75 9.90
N PHE A 4 -12.33 -15.42 9.81
CA PHE A 4 -11.19 -14.57 9.51
C PHE A 4 -10.73 -13.85 10.76
N VAL A 5 -9.42 -13.82 10.98
CA VAL A 5 -8.81 -13.13 12.12
C VAL A 5 -7.82 -12.11 11.57
N CYS A 6 -8.06 -10.83 11.88
CA CYS A 6 -7.16 -9.77 11.45
C CYS A 6 -5.89 -9.81 12.29
N ALA A 7 -4.75 -10.02 11.62
CA ALA A 7 -3.46 -10.06 12.29
C ALA A 7 -2.72 -8.75 12.07
N ASN A 8 -1.84 -8.41 13.00
CA ASN A 8 -1.01 -7.22 12.93
C ASN A 8 0.38 -7.63 12.41
N GLU A 9 0.75 -7.11 11.24
CA GLU A 9 2.01 -7.53 10.62
C GLU A 9 3.21 -7.22 11.51
N LYS A 10 3.14 -6.14 12.30
CA LYS A 10 4.26 -5.77 13.16
C LYS A 10 4.50 -6.80 14.26
N ASP A 11 3.53 -7.66 14.55
CA ASP A 11 3.73 -8.76 15.47
C ASP A 11 4.55 -9.90 14.88
N HIS A 12 4.85 -9.85 13.58
CA HIS A 12 5.49 -10.97 12.90
C HIS A 12 6.69 -10.51 12.07
N LEU A 13 7.41 -9.48 12.55
CA LEU A 13 8.59 -9.02 11.85
C LEU A 13 9.85 -9.52 12.55
N PRO A 14 10.78 -10.13 11.82
CA PRO A 14 12.06 -10.53 12.43
C PRO A 14 12.85 -9.33 12.89
N PRO A 15 13.81 -9.51 13.79
CA PRO A 15 14.62 -8.38 14.24
C PRO A 15 15.42 -7.77 13.10
N LEU A 16 15.77 -6.50 13.26
CA LEU A 16 16.54 -5.76 12.26
C LEU A 16 17.87 -5.34 12.88
N ASP A 17 18.96 -5.75 12.24
CA ASP A 17 20.30 -5.43 12.72
C ASP A 17 20.49 -3.91 12.69
N PRO A 18 21.04 -3.32 13.75
CA PRO A 18 21.18 -1.85 13.78
C PRO A 18 22.09 -1.30 12.71
N GLN A 19 23.21 -1.98 12.41
CA GLN A 19 24.06 -1.52 11.33
C GLN A 19 23.40 -1.71 9.97
N ALA A 20 22.76 -2.86 9.77
CA ALA A 20 22.08 -3.11 8.50
C ALA A 20 20.95 -2.12 8.28
N ASP A 21 20.26 -1.72 9.35
CA ASP A 21 19.17 -0.76 9.19
C ASP A 21 19.70 0.61 8.82
N ALA A 22 20.86 1.00 9.36
CA ALA A 22 21.48 2.26 8.96
C ALA A 22 21.81 2.25 7.48
N TRP A 23 22.35 1.13 6.97
CA TRP A 23 22.64 1.02 5.55
C TRP A 23 21.37 1.02 4.73
N TYR A 24 20.36 0.25 5.15
CA TYR A 24 19.10 0.21 4.43
C TYR A 24 18.49 1.60 4.29
N ARG A 25 18.48 2.37 5.38
CA ARG A 25 17.85 3.68 5.35
C ARG A 25 18.61 4.65 4.45
N GLU A 26 19.93 4.56 4.44
CA GLU A 26 20.71 5.43 3.55
C GLU A 26 20.49 5.07 2.09
N ALA A 27 20.49 3.77 1.77
CA ALA A 27 20.26 3.34 0.40
C ALA A 27 18.85 3.70 -0.05
N ALA A 28 17.86 3.53 0.82
CA ALA A 28 16.49 3.89 0.46
C ALA A 28 16.37 5.39 0.23
N ALA A 29 17.09 6.20 1.02
CA ALA A 29 17.06 7.63 0.83
C ALA A 29 17.73 8.04 -0.48
N LEU A 30 18.87 7.41 -0.80
CA LEU A 30 19.56 7.73 -2.04
C LEU A 30 18.70 7.43 -3.27
N ALA A 31 17.85 6.41 -3.19
CA ALA A 31 17.00 6.04 -4.31
C ALA A 31 15.72 6.88 -4.39
N LYS A 32 15.48 7.75 -3.42
CA LYS A 32 14.22 8.48 -3.32
C LYS A 32 14.13 9.66 -4.30
N PRO A 33 15.10 10.59 -4.34
CA PRO A 33 14.89 11.81 -5.12
C PRO A 33 14.79 11.53 -6.61
N ASP A 34 13.96 12.33 -7.28
CA ASP A 34 13.80 12.26 -8.73
C ASP A 34 14.90 13.09 -9.40
N THR A 35 16.12 12.58 -9.27
CA THR A 35 17.28 13.17 -9.94
C THR A 35 18.17 12.02 -10.39
N LEU A 36 19.41 12.33 -10.74
CA LEU A 36 20.37 11.29 -11.07
C LEU A 36 20.78 10.55 -9.80
N ARG A 37 20.65 9.23 -9.80
CA ARG A 37 20.88 8.46 -8.60
C ARG A 37 22.00 7.44 -8.81
N PRO A 38 22.85 7.16 -7.72
CA PRO A 38 23.98 6.22 -7.81
C PRO A 38 23.55 4.77 -7.60
N TRP A 39 22.93 4.20 -8.64
CA TRP A 39 22.27 2.91 -8.49
C TRP A 39 23.26 1.79 -8.18
N GLY A 40 24.45 1.84 -8.78
CA GLY A 40 25.45 0.82 -8.48
C GLY A 40 25.83 0.82 -7.01
N ARG A 41 25.93 2.01 -6.43
CA ARG A 41 26.23 2.11 -5.00
C ARG A 41 25.02 1.80 -4.14
N ILE A 42 23.81 2.15 -4.60
CA ILE A 42 22.59 1.76 -3.89
C ILE A 42 22.47 0.25 -3.83
N VAL A 43 22.75 -0.42 -4.95
CA VAL A 43 22.73 -1.88 -4.97
C VAL A 43 23.74 -2.46 -3.98
N GLU A 44 24.94 -1.88 -3.94
CA GLU A 44 25.99 -2.40 -3.06
C GLU A 44 25.61 -2.21 -1.58
N ILE A 45 25.02 -1.07 -1.24
CA ILE A 45 24.65 -0.82 0.15
C ILE A 45 23.52 -1.76 0.57
N TYR A 46 22.49 -1.90 -0.28
CA TYR A 46 21.45 -2.89 -0.03
C TYR A 46 22.03 -4.27 0.20
N SER A 47 23.04 -4.64 -0.60
CA SER A 47 23.64 -5.97 -0.50
C SER A 47 24.33 -6.17 0.84
N LYS A 48 25.06 -5.15 1.31
CA LYS A 48 25.69 -5.24 2.63
C LYS A 48 24.66 -5.41 3.72
N ALA A 49 23.52 -4.73 3.61
CA ALA A 49 22.46 -4.87 4.60
C ALA A 49 21.79 -6.25 4.51
N VAL A 50 21.61 -6.75 3.28
CA VAL A 50 21.08 -8.11 3.11
C VAL A 50 22.00 -9.13 3.77
N GLU A 51 23.31 -8.91 3.71
CA GLU A 51 24.26 -9.80 4.36
C GLU A 51 23.97 -9.94 5.84
N ARG A 52 23.55 -8.85 6.49
CA ARG A 52 23.26 -8.85 7.91
C ARG A 52 21.78 -9.14 8.20
N GLY A 53 21.05 -9.66 7.21
CA GLY A 53 19.72 -10.19 7.43
C GLY A 53 18.57 -9.21 7.36
N HIS A 54 18.79 -8.02 6.81
CA HIS A 54 17.77 -6.98 6.80
C HIS A 54 16.68 -7.33 5.78
N TRP A 55 15.46 -7.57 6.25
CA TRP A 55 14.41 -8.06 5.37
C TRP A 55 13.87 -6.99 4.44
N LYS A 56 13.95 -5.71 4.82
CA LYS A 56 13.53 -4.65 3.91
C LYS A 56 14.55 -4.40 2.81
N ALA A 57 15.85 -4.55 3.11
CA ALA A 57 16.86 -4.47 2.08
C ALA A 57 16.68 -5.57 1.04
N MET A 58 16.30 -6.78 1.50
CA MET A 58 16.03 -7.87 0.57
C MET A 58 14.89 -7.51 -0.38
N HIS A 59 13.84 -6.89 0.14
CA HIS A 59 12.70 -6.53 -0.69
C HIS A 59 13.07 -5.48 -1.73
N ASN A 60 13.69 -4.38 -1.28
CA ASN A 60 14.03 -3.30 -2.20
C ASN A 60 15.04 -3.77 -3.25
N LEU A 61 16.07 -4.52 -2.84
CA LEU A 61 17.07 -4.97 -3.79
C LEU A 61 16.48 -5.95 -4.80
N ALA A 62 15.60 -6.84 -4.34
CA ALA A 62 14.97 -7.79 -5.26
C ALA A 62 14.12 -7.07 -6.30
N ASN A 63 13.39 -6.03 -5.87
CA ASN A 63 12.59 -5.27 -6.83
C ASN A 63 13.47 -4.60 -7.87
N LEU A 64 14.68 -4.17 -7.49
CA LEU A 64 15.61 -3.61 -8.47
C LEU A 64 16.14 -4.67 -9.42
N TYR A 65 16.31 -5.91 -8.94
CA TYR A 65 16.89 -6.95 -9.78
C TYR A 65 15.92 -7.44 -10.85
N ARG A 66 14.62 -7.42 -10.57
CA ARG A 66 13.61 -7.90 -11.53
C ARG A 66 13.04 -6.75 -12.37
N THR A 67 12.55 -5.71 -11.71
CA THR A 67 12.33 -4.41 -12.32
C THR A 67 13.66 -3.69 -12.29
N GLY A 68 14.31 -3.65 -13.44
CA GLY A 68 15.60 -3.00 -13.56
C GLY A 68 15.47 -1.49 -13.45
N TRP A 69 16.39 -0.77 -14.07
CA TRP A 69 16.33 0.67 -14.08
C TRP A 69 17.28 1.20 -15.14
N PRO A 70 16.73 1.79 -16.22
CA PRO A 70 17.53 2.23 -17.39
C PRO A 70 19.04 2.00 -17.36
N GLY A 71 19.79 2.97 -16.88
CA GLY A 71 21.24 2.86 -16.89
C GLY A 71 21.85 2.28 -15.63
N GLY A 72 21.09 2.27 -14.55
CA GLY A 72 21.63 1.88 -13.26
C GLY A 72 21.78 0.38 -13.04
N VAL A 73 20.70 -0.36 -13.24
CA VAL A 73 20.65 -1.79 -12.95
C VAL A 73 19.38 -2.35 -13.57
N GLU A 74 19.33 -3.55 -14.18
CA GLU A 74 20.39 -4.43 -14.72
C GLU A 74 19.63 -5.72 -15.05
N LYS A 75 18.38 -5.75 -14.58
CA LYS A 75 17.38 -6.82 -14.68
C LYS A 75 17.91 -8.24 -14.64
N ASP A 76 17.58 -8.94 -13.55
CA ASP A 76 17.98 -10.34 -13.35
C ASP A 76 16.91 -10.96 -12.45
N PRO A 77 15.96 -11.71 -13.02
CA PRO A 77 14.88 -12.25 -12.19
C PRO A 77 15.34 -13.29 -11.19
N GLN A 78 16.37 -14.07 -11.52
CA GLN A 78 16.76 -15.17 -10.65
C GLN A 78 17.29 -14.68 -9.31
N LYS A 79 18.03 -13.56 -9.32
CA LYS A 79 18.56 -13.02 -8.06
C LYS A 79 17.44 -12.42 -7.22
N ALA A 80 16.46 -11.78 -7.87
CA ALA A 80 15.30 -11.27 -7.14
C ALA A 80 14.58 -12.39 -6.42
N LEU A 81 14.48 -13.56 -7.05
CA LEU A 81 13.80 -14.70 -6.46
C LEU A 81 14.63 -15.34 -5.35
N ASP A 82 15.96 -15.34 -5.49
CA ASP A 82 16.81 -15.82 -4.41
C ASP A 82 16.66 -14.96 -3.16
N LEU A 83 16.45 -13.65 -3.34
CA LEU A 83 16.21 -12.78 -2.19
C LEU A 83 14.84 -13.03 -1.58
N TYR A 84 13.83 -13.27 -2.43
CA TYR A 84 12.50 -13.63 -1.92
C TYR A 84 12.58 -14.92 -1.11
N GLN A 85 13.41 -15.87 -1.54
CA GLN A 85 13.60 -17.10 -0.79
C GLN A 85 14.23 -16.82 0.57
N LYS A 86 15.25 -15.94 0.61
CA LYS A 86 15.84 -15.57 1.89
C LYS A 86 14.82 -14.95 2.84
N MET A 87 13.84 -14.22 2.29
CA MET A 87 12.85 -13.59 3.14
C MET A 87 11.90 -14.62 3.76
N ILE A 88 11.39 -15.54 2.95
CA ILE A 88 10.44 -16.52 3.49
C ILE A 88 11.16 -17.51 4.41
N ASP A 89 12.45 -17.74 4.19
CA ASP A 89 13.21 -18.56 5.14
C ASP A 89 13.26 -17.90 6.51
N LEU A 90 13.20 -16.58 6.56
CA LEU A 90 13.11 -15.84 7.82
C LEU A 90 11.67 -15.61 8.25
N ASP A 91 10.70 -16.19 7.53
CA ASP A 91 9.27 -16.07 7.84
C ASP A 91 8.80 -14.62 7.75
N VAL A 92 9.35 -13.88 6.80
CA VAL A 92 8.98 -12.49 6.59
C VAL A 92 7.63 -12.44 5.87
N PRO A 93 6.62 -11.77 6.44
CA PRO A 93 5.31 -11.74 5.77
C PRO A 93 5.35 -11.15 4.36
N GLN A 94 6.13 -10.07 4.15
CA GLN A 94 6.25 -9.50 2.81
C GLN A 94 6.90 -10.49 1.85
N GLY A 95 7.78 -11.37 2.34
CA GLY A 95 8.41 -12.33 1.47
C GLY A 95 7.43 -13.28 0.82
N PHE A 96 6.43 -13.74 1.59
CA PHE A 96 5.42 -14.61 1.01
C PHE A 96 4.62 -13.90 -0.07
N TYR A 97 4.26 -12.64 0.16
CA TYR A 97 3.58 -11.86 -0.87
C TYR A 97 4.48 -11.69 -2.10
N ASP A 98 5.75 -11.36 -1.88
CA ASP A 98 6.67 -11.12 -2.99
C ASP A 98 6.83 -12.38 -3.83
N MET A 99 7.02 -13.52 -3.18
CA MET A 99 7.19 -14.78 -3.92
C MET A 99 5.93 -15.11 -4.71
N GLY A 100 4.76 -14.95 -4.10
CA GLY A 100 3.52 -15.25 -4.80
C GLY A 100 3.26 -14.31 -5.97
N ALA A 101 3.61 -13.04 -5.81
CA ALA A 101 3.45 -12.09 -6.91
C ALA A 101 4.33 -12.43 -8.10
N MET A 102 5.40 -13.20 -7.88
CA MET A 102 6.34 -13.53 -8.95
C MET A 102 6.10 -14.91 -9.56
N ILE A 103 5.65 -15.89 -8.78
CA ILE A 103 5.48 -17.24 -9.29
C ILE A 103 4.05 -17.74 -9.12
N GLY A 104 3.13 -16.89 -8.68
CA GLY A 104 1.74 -17.31 -8.57
C GLY A 104 1.31 -17.71 -7.17
N ASN A 105 0.06 -17.42 -6.83
CA ASN A 105 -0.42 -17.63 -5.47
C ASN A 105 -0.43 -19.11 -5.11
N ARG A 106 -1.09 -19.93 -5.91
CA ARG A 106 -1.29 -21.34 -5.54
C ARG A 106 0.01 -22.13 -5.48
N ALA A 107 1.13 -21.57 -5.96
CA ALA A 107 2.42 -22.22 -5.79
C ALA A 107 2.84 -22.31 -4.33
N GLY A 108 2.17 -21.58 -3.43
CA GLY A 108 2.56 -21.61 -2.03
C GLY A 108 2.23 -22.89 -1.32
N VAL A 109 1.20 -23.62 -1.78
CA VAL A 109 0.70 -24.78 -1.06
C VAL A 109 1.80 -25.82 -0.87
N LYS A 110 2.65 -25.98 -1.87
CA LYS A 110 3.73 -26.96 -1.79
C LYS A 110 4.97 -26.44 -1.06
N ASN A 111 5.05 -25.15 -0.81
CA ASN A 111 6.27 -24.58 -0.22
C ASN A 111 6.37 -24.94 1.25
N PRO A 112 7.52 -25.42 1.72
CA PRO A 112 7.64 -25.78 3.15
C PRO A 112 7.46 -24.63 4.11
N ALA A 113 7.68 -23.39 3.69
CA ALA A 113 7.61 -22.25 4.59
C ALA A 113 6.18 -21.76 4.85
N THR A 114 5.21 -22.22 4.06
CA THR A 114 3.84 -21.72 4.15
C THR A 114 2.93 -22.62 4.98
N ASP A 115 3.43 -23.77 5.44
CA ASP A 115 2.63 -24.73 6.21
C ASP A 115 1.40 -25.19 5.44
N GLY A 116 1.49 -25.26 4.12
CA GLY A 116 0.41 -25.74 3.28
C GLY A 116 -0.54 -24.70 2.76
N LEU A 117 -0.30 -23.42 3.03
CA LEU A 117 -1.14 -22.34 2.53
C LEU A 117 -0.59 -21.79 1.23
N THR A 118 -1.45 -21.11 0.47
CA THR A 118 -0.99 -20.33 -0.64
C THR A 118 -0.12 -19.17 -0.13
N PHE A 119 0.63 -18.55 -1.05
CA PHE A 119 1.52 -17.47 -0.64
C PHE A 119 0.75 -16.29 -0.07
N LEU A 120 -0.37 -15.92 -0.71
CA LEU A 120 -1.20 -14.83 -0.19
C LEU A 120 -1.81 -15.20 1.17
N ASP A 121 -2.31 -16.43 1.29
CA ASP A 121 -2.92 -16.86 2.55
C ASP A 121 -1.91 -16.84 3.69
N LYS A 122 -0.71 -17.35 3.44
CA LYS A 122 0.33 -17.33 4.47
C LYS A 122 0.69 -15.90 4.85
N ALA A 123 0.88 -15.04 3.84
CA ALA A 123 1.24 -13.66 4.11
C ALA A 123 0.12 -12.94 4.86
N ALA A 124 -1.13 -13.12 4.40
CA ALA A 124 -2.25 -12.44 5.06
C ALA A 124 -2.45 -12.95 6.48
N SER A 125 -2.21 -14.24 6.71
CA SER A 125 -2.34 -14.79 8.06
C SER A 125 -1.35 -14.15 9.01
N LEU A 126 -0.20 -13.71 8.52
CA LEU A 126 0.76 -12.96 9.30
C LEU A 126 0.49 -11.47 9.28
N GLY A 127 -0.64 -11.04 8.72
CA GLY A 127 -1.04 -9.65 8.75
C GLY A 127 -0.48 -8.78 7.65
N ASN A 128 0.06 -9.37 6.59
CA ASN A 128 0.72 -8.59 5.54
C ASN A 128 -0.30 -7.73 4.79
N PRO A 129 -0.20 -6.41 4.85
CA PRO A 129 -1.25 -5.54 4.27
C PRO A 129 -1.36 -5.69 2.76
N PRO A 130 -0.25 -5.80 2.00
CA PRO A 130 -0.42 -6.06 0.55
C PRO A 130 -1.18 -7.34 0.27
N ALA A 131 -0.91 -8.41 1.02
CA ALA A 131 -1.63 -9.67 0.80
C ALA A 131 -3.10 -9.54 1.22
N LEU A 132 -3.36 -8.87 2.34
CA LEU A 132 -4.74 -8.68 2.77
C LEU A 132 -5.53 -7.86 1.75
N THR A 133 -4.88 -6.88 1.12
CA THR A 133 -5.57 -6.02 0.17
C THR A 133 -5.94 -6.78 -1.10
N GLU A 134 -4.99 -7.54 -1.65
CA GLU A 134 -5.27 -8.31 -2.86
C GLU A 134 -6.35 -9.35 -2.62
N LEU A 135 -6.25 -10.08 -1.51
CA LEU A 135 -7.27 -11.08 -1.18
C LEU A 135 -8.64 -10.42 -0.97
N GLY A 136 -8.65 -9.23 -0.36
CA GLY A 136 -9.90 -8.51 -0.22
C GLY A 136 -10.54 -8.19 -1.55
N LYS A 137 -9.75 -7.72 -2.52
CA LYS A 137 -10.27 -7.45 -3.85
C LYS A 137 -10.76 -8.72 -4.52
N LEU A 138 -10.06 -9.84 -4.32
CA LEU A 138 -10.46 -11.10 -4.95
C LEU A 138 -11.78 -11.59 -4.39
N TYR A 139 -11.97 -11.53 -3.07
CA TYR A 139 -13.23 -11.96 -2.49
C TYR A 139 -14.38 -11.04 -2.90
N ILE A 140 -14.13 -9.73 -2.92
CA ILE A 140 -15.20 -8.77 -3.22
C ILE A 140 -15.63 -8.90 -4.68
N TYR A 141 -14.68 -8.81 -5.61
CA TYR A 141 -15.01 -8.61 -7.01
C TYR A 141 -15.04 -9.89 -7.84
N VAL A 142 -14.39 -10.95 -7.40
CA VAL A 142 -14.33 -12.21 -8.15
C VAL A 142 -15.19 -13.28 -7.49
N ALA A 143 -15.08 -13.45 -6.18
CA ALA A 143 -15.81 -14.48 -5.46
C ALA A 143 -17.17 -14.01 -4.96
N LYS A 144 -17.46 -12.71 -5.02
CA LYS A 144 -18.72 -12.14 -4.55
C LYS A 144 -18.94 -12.41 -3.06
N GLU A 145 -17.86 -12.35 -2.29
CA GLU A 145 -17.93 -12.48 -0.83
C GLU A 145 -17.65 -11.10 -0.24
N LYS A 146 -18.68 -10.24 -0.27
CA LYS A 146 -18.52 -8.85 0.11
C LYS A 146 -18.07 -8.71 1.55
N GLU A 147 -18.75 -9.38 2.48
CA GLU A 147 -18.46 -9.21 3.90
C GLU A 147 -17.05 -9.68 4.24
N LEU A 148 -16.64 -10.83 3.72
CA LEU A 148 -15.29 -11.33 3.97
C LEU A 148 -14.25 -10.45 3.30
N GLY A 149 -14.49 -10.06 2.05
CA GLY A 149 -13.53 -9.23 1.33
C GLY A 149 -13.34 -7.88 1.98
N LEU A 150 -14.43 -7.27 2.46
CA LEU A 150 -14.30 -5.99 3.15
C LEU A 150 -13.52 -6.14 4.45
N ALA A 151 -13.68 -7.28 5.14
CA ALA A 151 -12.93 -7.53 6.37
C ALA A 151 -11.44 -7.59 6.09
N TYR A 152 -11.04 -8.23 4.99
CA TYR A 152 -9.62 -8.29 4.62
C TYR A 152 -9.08 -6.89 4.35
N ALA A 153 -9.80 -6.10 3.55
CA ALA A 153 -9.32 -4.77 3.21
C ALA A 153 -9.30 -3.86 4.44
N SER A 154 -10.29 -3.98 5.32
CA SER A 154 -10.32 -3.16 6.52
C SER A 154 -9.17 -3.49 7.45
N CYS A 155 -8.79 -4.78 7.52
CA CYS A 155 -7.63 -5.17 8.32
C CYS A 155 -6.36 -4.46 7.84
N ALA A 156 -6.11 -4.50 6.52
CA ALA A 156 -4.96 -3.80 5.97
C ALA A 156 -5.09 -2.31 6.16
N SER A 157 -6.29 -1.76 5.98
CA SER A 157 -6.51 -0.32 6.13
C SER A 157 -6.23 0.14 7.56
N SER A 158 -6.70 -0.61 8.55
CA SER A 158 -6.49 -0.23 9.94
C SER A 158 -5.04 -0.32 10.37
N GLN A 159 -4.19 -1.01 9.61
CA GLN A 159 -2.76 -1.06 9.88
C GLN A 159 -1.99 0.10 9.26
N GLY A 160 -2.70 1.05 8.64
CA GLY A 160 -2.05 2.19 8.03
C GLY A 160 -1.62 2.02 6.60
N TYR A 161 -2.22 1.08 5.87
CA TYR A 161 -1.81 0.77 4.50
C TYR A 161 -2.69 1.57 3.53
N ALA A 162 -2.10 2.60 2.92
CA ALA A 162 -2.87 3.50 2.08
C ALA A 162 -3.56 2.85 0.89
N PRO A 163 -2.96 1.89 0.16
CA PRO A 163 -3.70 1.28 -0.95
C PRO A 163 -4.95 0.55 -0.52
N ALA A 164 -5.00 0.02 0.71
CA ALA A 164 -6.21 -0.63 1.18
C ALA A 164 -7.31 0.39 1.46
N SER A 165 -6.95 1.52 2.07
CA SER A 165 -7.94 2.57 2.31
C SER A 165 -8.47 3.14 1.00
N TYR A 166 -7.58 3.27 0.01
CA TYR A 166 -8.01 3.75 -1.31
C TYR A 166 -8.95 2.75 -1.97
N GLU A 167 -8.68 1.46 -1.82
CA GLU A 167 -9.54 0.44 -2.41
C GLU A 167 -10.91 0.40 -1.76
N LEU A 168 -10.96 0.60 -0.43
CA LEU A 168 -12.25 0.71 0.24
C LEU A 168 -13.02 1.92 -0.24
N GLY A 169 -12.34 3.07 -0.38
CA GLY A 169 -13.02 4.25 -0.91
C GLY A 169 -13.52 4.04 -2.32
N SER A 170 -12.71 3.40 -3.16
CA SER A 170 -13.16 3.10 -4.52
C SER A 170 -14.34 2.14 -4.52
N TYR A 171 -14.39 1.22 -3.56
CA TYR A 171 -15.53 0.31 -3.47
C TYR A 171 -16.81 1.07 -3.16
N TYR A 172 -16.77 1.96 -2.16
CA TYR A 172 -17.99 2.65 -1.76
C TYR A 172 -18.44 3.68 -2.79
N GLU A 173 -17.52 4.21 -3.60
CA GLU A 173 -17.93 5.13 -4.66
C GLU A 173 -18.61 4.40 -5.80
N LEU A 174 -17.99 3.33 -6.30
CA LEU A 174 -18.44 2.70 -7.54
C LEU A 174 -19.48 1.61 -7.30
N VAL A 175 -19.37 0.85 -6.21
CA VAL A 175 -20.30 -0.26 -5.96
C VAL A 175 -21.52 0.21 -5.17
N GLU A 176 -21.31 0.88 -4.05
CA GLU A 176 -22.41 1.27 -3.18
C GLU A 176 -22.88 2.70 -3.40
N ASN A 177 -22.15 3.49 -4.18
CA ASN A 177 -22.50 4.88 -4.46
C ASN A 177 -22.74 5.66 -3.17
N ASN A 178 -21.93 5.36 -2.16
CA ASN A 178 -21.94 6.08 -0.88
C ASN A 178 -20.72 6.99 -0.90
N TYR A 179 -20.90 8.18 -1.46
CA TYR A 179 -19.81 9.10 -1.74
C TYR A 179 -19.16 9.70 -0.50
N PRO A 180 -19.93 10.08 0.54
CA PRO A 180 -19.25 10.54 1.77
C PRO A 180 -18.41 9.46 2.41
N LYS A 181 -18.87 8.20 2.38
CA LYS A 181 -18.06 7.11 2.89
C LYS A 181 -16.82 6.92 2.03
N ALA A 182 -16.96 7.06 0.70
CA ALA A 182 -15.81 6.97 -0.19
C ALA A 182 -14.81 8.09 0.10
N LEU A 183 -15.30 9.32 0.28
CA LEU A 183 -14.40 10.44 0.57
C LEU A 183 -13.63 10.20 1.87
N SER A 184 -14.30 9.68 2.89
CA SER A 184 -13.64 9.49 4.18
C SER A 184 -12.51 8.49 4.09
N TYR A 185 -12.70 7.41 3.34
CA TYR A 185 -11.62 6.44 3.15
C TYR A 185 -10.50 7.03 2.30
N TYR A 186 -10.84 7.85 1.29
CA TYR A 186 -9.81 8.52 0.51
C TYR A 186 -8.95 9.42 1.40
N GLN A 187 -9.58 10.16 2.31
CA GLN A 187 -8.82 11.04 3.19
C GLN A 187 -7.95 10.24 4.15
N VAL A 188 -8.45 9.11 4.65
CA VAL A 188 -7.64 8.22 5.47
C VAL A 188 -6.44 7.73 4.67
N SER A 189 -6.66 7.37 3.40
CA SER A 189 -5.56 6.92 2.55
C SER A 189 -4.52 8.02 2.36
N VAL A 190 -4.96 9.28 2.25
CA VAL A 190 -4.02 10.40 2.14
C VAL A 190 -3.15 10.49 3.38
N SER A 191 -3.78 10.41 4.56
CA SER A 191 -3.03 10.45 5.82
C SER A 191 -2.03 9.32 5.93
N GLN A 192 -2.25 8.21 5.23
CA GLN A 192 -1.36 7.06 5.23
C GLN A 192 -0.33 7.13 4.11
N GLY A 193 -0.20 8.27 3.45
CA GLY A 193 0.73 8.41 2.35
C GLY A 193 0.18 7.97 1.00
N GLY A 194 -1.14 8.02 0.82
CA GLY A 194 -1.75 7.57 -0.41
C GLY A 194 -1.67 8.58 -1.54
N ARG A 195 -0.78 8.32 -2.51
CA ARG A 195 -0.58 9.22 -3.62
C ARG A 195 -1.84 9.33 -4.47
N SER A 196 -2.44 8.18 -4.82
CA SER A 196 -3.63 8.20 -5.67
C SER A 196 -4.80 8.88 -4.97
N ALA A 197 -4.98 8.59 -3.67
CA ALA A 197 -6.10 9.19 -2.95
C ALA A 197 -6.00 10.70 -2.90
N ALA A 198 -4.80 11.22 -2.63
CA ALA A 198 -4.61 12.68 -2.59
C ALA A 198 -4.87 13.29 -3.95
N PHE A 199 -4.42 12.62 -5.01
CA PHE A 199 -4.66 13.11 -6.37
C PHE A 199 -6.15 13.18 -6.68
N PHE A 200 -6.88 12.10 -6.37
CA PHE A 200 -8.29 12.06 -6.73
C PHE A 200 -9.17 12.82 -5.75
N LEU A 201 -8.76 12.92 -4.49
CA LEU A 201 -9.46 13.79 -3.56
C LEU A 201 -9.37 15.24 -4.01
N SER A 202 -8.23 15.63 -4.58
CA SER A 202 -8.08 16.97 -5.14
C SER A 202 -9.03 17.19 -6.32
N ARG A 203 -9.14 16.19 -7.20
CA ARG A 203 -10.04 16.31 -8.34
C ARG A 203 -11.49 16.48 -7.90
N VAL A 204 -11.87 15.85 -6.78
CA VAL A 204 -13.25 15.89 -6.32
C VAL A 204 -13.73 17.33 -6.15
N PHE A 205 -12.83 18.23 -5.73
CA PHE A 205 -13.21 19.61 -5.44
C PHE A 205 -12.72 20.60 -6.50
N GLY A 206 -12.25 20.11 -7.64
CA GLY A 206 -11.80 21.00 -8.70
C GLY A 206 -12.96 21.53 -9.54
N LYS A 207 -12.80 22.76 -10.02
CA LYS A 207 -13.87 23.42 -10.78
C LYS A 207 -14.18 22.68 -12.06
N ARG A 208 -13.16 22.16 -12.73
CA ARG A 208 -13.30 21.58 -14.06
C ARG A 208 -13.57 20.09 -14.06
N THR A 209 -13.58 19.47 -12.89
CA THR A 209 -13.85 18.03 -12.81
C THR A 209 -15.30 17.76 -13.23
N PRO A 210 -15.53 16.80 -14.11
CA PRO A 210 -16.92 16.40 -14.42
C PRO A 210 -17.63 15.96 -13.15
N PRO A 211 -18.91 16.33 -13.00
CA PRO A 211 -19.61 16.06 -11.74
C PRO A 211 -19.58 14.62 -11.28
N SER A 212 -19.63 13.65 -12.20
CA SER A 212 -19.68 12.25 -11.77
C SER A 212 -18.36 11.81 -11.16
N SER A 213 -17.23 12.30 -11.67
CA SER A 213 -15.94 12.01 -11.06
C SER A 213 -15.74 12.79 -9.78
N ALA A 214 -16.39 13.94 -9.65
CA ALA A 214 -16.39 14.67 -8.39
C ALA A 214 -17.40 14.11 -7.40
N MET A 215 -18.13 13.06 -7.77
CA MET A 215 -19.19 12.48 -6.95
C MET A 215 -20.24 13.52 -6.57
N TRP A 216 -20.41 14.53 -7.42
CA TRP A 216 -21.42 15.56 -7.27
C TRP A 216 -21.22 16.38 -6.00
N TYR A 217 -19.97 16.53 -5.57
CA TYR A 217 -19.65 17.49 -4.53
C TYR A 217 -19.57 18.90 -5.13
N THR A 218 -19.80 19.88 -4.28
CA THR A 218 -19.64 21.27 -4.70
C THR A 218 -18.15 21.59 -4.82
N PRO A 219 -17.70 22.16 -5.92
CA PRO A 219 -16.27 22.51 -6.03
C PRO A 219 -15.85 23.47 -4.92
N ASP A 220 -14.62 23.26 -4.44
CA ASP A 220 -14.05 24.09 -3.38
C ASP A 220 -12.59 24.32 -3.74
N GLU A 221 -12.28 25.54 -4.22
CA GLU A 221 -10.94 25.82 -4.73
C GLU A 221 -9.87 25.60 -3.66
N LYS A 222 -10.18 25.89 -2.39
CA LYS A 222 -9.17 25.75 -1.35
C LYS A 222 -8.89 24.29 -1.02
N LEU A 223 -9.91 23.42 -1.09
CA LEU A 223 -9.68 22.00 -0.87
C LEU A 223 -8.93 21.37 -2.05
N GLU A 224 -9.26 21.81 -3.27
CA GLU A 224 -8.53 21.37 -4.46
C GLU A 224 -7.04 21.60 -4.32
N LYS A 225 -6.66 22.80 -3.84
CA LYS A 225 -5.25 23.12 -3.69
C LYS A 225 -4.62 22.43 -2.49
N PHE A 226 -5.38 22.32 -1.39
CA PHE A 226 -4.86 21.66 -0.19
C PHE A 226 -4.47 20.21 -0.49
N TYR A 227 -5.37 19.46 -1.13
CA TYR A 227 -5.09 18.05 -1.37
C TYR A 227 -4.15 17.83 -2.55
N TYR A 228 -4.12 18.74 -3.52
CA TYR A 228 -3.10 18.63 -4.55
C TYR A 228 -1.71 18.92 -3.98
N SER A 229 -1.63 19.76 -2.95
CA SER A 229 -0.35 20.01 -2.30
C SER A 229 0.15 18.76 -1.57
N LEU A 230 -0.75 18.02 -0.92
CA LEU A 230 -0.36 16.78 -0.27
C LEU A 230 0.05 15.73 -1.29
N TYR A 231 -0.61 15.70 -2.44
CA TYR A 231 -0.23 14.78 -3.51
C TYR A 231 1.22 15.00 -3.94
N LEU A 232 1.60 16.27 -4.12
CA LEU A 232 2.98 16.57 -4.52
C LEU A 232 3.98 16.19 -3.44
N GLN A 233 3.65 16.45 -2.17
CA GLN A 233 4.52 16.06 -1.07
C GLN A 233 4.71 14.55 -1.03
N ILE A 234 3.60 13.81 -1.14
CA ILE A 234 3.67 12.35 -1.13
C ILE A 234 4.40 11.83 -2.36
N ASP A 235 4.21 12.50 -3.50
CA ASP A 235 4.93 12.10 -4.72
C ASP A 235 6.43 12.24 -4.54
N ALA A 236 6.88 13.29 -3.86
CA ALA A 236 8.31 13.48 -3.63
C ALA A 236 8.84 12.58 -2.51
N ASP A 237 8.04 12.34 -1.48
CA ASP A 237 8.44 11.51 -0.35
C ASP A 237 7.33 10.51 -0.03
N PRO A 238 7.43 9.28 -0.53
CA PRO A 238 6.38 8.28 -0.25
C PRO A 238 6.37 7.77 1.18
N ASP A 239 7.36 8.12 2.00
CA ASP A 239 7.37 7.75 3.40
C ASP A 239 6.65 8.78 4.28
N LEU A 240 6.21 9.89 3.69
CA LEU A 240 5.52 10.92 4.45
C LEU A 240 4.18 10.42 4.95
N ARG A 241 3.85 10.76 6.18
CA ARG A 241 2.55 10.47 6.78
C ARG A 241 1.99 11.75 7.38
N PHE A 242 0.66 11.76 7.57
CA PHE A 242 -0.06 12.91 8.12
C PHE A 242 -1.03 12.41 9.19
N PRO A 243 -0.52 11.99 10.35
CA PRO A 243 -1.39 11.33 11.34
C PRO A 243 -2.43 12.23 11.96
N ASN A 244 -2.40 13.54 11.72
CA ASN A 244 -3.40 14.45 12.26
C ASN A 244 -4.33 15.00 11.18
N LEU A 245 -4.21 14.52 9.94
CA LEU A 245 -4.98 15.08 8.84
C LEU A 245 -6.47 14.92 9.05
N VAL A 246 -6.91 13.71 9.40
CA VAL A 246 -8.34 13.44 9.49
C VAL A 246 -8.97 14.23 10.64
N LYS A 247 -8.33 14.20 11.81
CA LYS A 247 -8.97 14.76 13.00
C LYS A 247 -9.13 16.27 12.93
N TYR A 248 -8.19 16.98 12.29
CA TYR A 248 -8.20 18.44 12.27
C TYR A 248 -8.63 19.02 10.92
N ASN A 249 -8.95 18.19 9.93
CA ASN A 249 -9.43 18.66 8.64
C ASN A 249 -10.67 17.86 8.25
N PRO A 250 -11.78 18.08 8.94
CA PRO A 250 -13.01 17.35 8.59
C PRO A 250 -13.50 17.73 7.21
N LEU A 251 -13.87 16.71 6.43
CA LEU A 251 -14.35 16.94 5.08
C LEU A 251 -15.71 17.61 5.10
N PRO A 252 -16.06 18.34 4.03
CA PRO A 252 -17.41 18.89 3.94
C PRO A 252 -18.42 17.77 3.70
N PRO A 253 -19.67 17.96 4.10
CA PRO A 253 -20.69 16.96 3.79
C PRO A 253 -21.03 16.96 2.31
N HIS A 254 -21.56 15.84 1.85
CA HIS A 254 -22.08 15.78 0.49
C HIS A 254 -23.38 16.58 0.41
N PRO A 255 -23.59 17.34 -0.67
CA PRO A 255 -24.79 18.20 -0.73
C PRO A 255 -26.10 17.46 -0.56
N VAL A 256 -26.14 16.17 -0.90
CA VAL A 256 -27.34 15.37 -0.81
C VAL A 256 -27.19 14.21 0.19
N GLN A 257 -26.05 13.52 0.16
CA GLN A 257 -25.86 12.34 0.98
C GLN A 257 -25.26 12.64 2.35
N GLY A 258 -24.89 13.88 2.63
CA GLY A 258 -24.38 14.26 3.93
C GLY A 258 -23.05 13.65 4.29
N TYR A 259 -23.00 12.92 5.40
CA TYR A 259 -21.79 12.24 5.86
C TYR A 259 -21.87 10.73 5.72
N ASP A 260 -23.00 10.21 5.25
CA ASP A 260 -23.24 8.78 5.08
C ASP A 260 -24.50 8.61 4.25
N ALA A 261 -24.37 8.05 3.04
CA ALA A 261 -25.55 7.90 2.18
C ALA A 261 -26.63 7.06 2.83
N ALA A 262 -26.24 6.13 3.72
CA ALA A 262 -27.23 5.36 4.45
C ALA A 262 -28.00 6.23 5.43
N ARG A 263 -27.32 7.22 6.03
CA ARG A 263 -27.91 8.10 7.03
C ARG A 263 -27.64 9.55 6.64
N PRO A 264 -28.28 10.03 5.56
CA PRO A 264 -27.87 11.31 4.96
C PRO A 264 -28.08 12.53 5.84
N ASP A 265 -28.75 12.40 6.99
CA ASP A 265 -29.08 13.55 7.81
C ASP A 265 -28.27 13.65 9.10
N TRP A 266 -27.33 12.73 9.34
CA TRP A 266 -26.46 12.84 10.50
C TRP A 266 -25.55 14.05 10.36
#